data_6UB3
#
_entry.id   6UB3
#
_cell.length_a   157.024
_cell.length_b   46.693
_cell.length_c   115.252
_cell.angle_alpha   90.000
_cell.angle_beta   119.700
_cell.angle_gamma   90.000
#
_symmetry.space_group_name_H-M   'C 1 2 1'
#
loop_
_entity.id
_entity.type
_entity.pdbx_description
1 polymer 'glycoside hydrolase'
2 branched beta-D-glucopyranose-(1-3)-beta-D-glucopyranose
3 non-polymer 'CHLORIDE ION'
4 non-polymer '2-(N-MORPHOLINO)-ETHANESULFONIC ACID'
5 non-polymer 'SULFATE ION'
6 water water
#
_entity_poly.entity_id   1
_entity_poly.type   'polypeptide(L)'
_entity_poly.pdbx_seq_one_letter_code
;MGSSHHHHHHSSGLVPRGSHMASGKRGLAWPWYNSPLDPGVLNNGDGEVVAIYDWETYAPPTSTGGTGGLGFIGMQGTMD
SDSSPVAQLATRQAQQGWATVFSLNEPDINGITPAEAASWYIEWVNPLAIKKALPAVTSSTTSGQGLSWLSEMISACAGA
CYFDYINLHWYGTSFAEFQAYIEQAHNQFPSYTIVISEFALTNGGNQVAFFESAFPFLDGLSYVLLYFPFVATSPALLQA
NDPGAVTTVGTGSCLYTNAGGPSSVGNLMY
;
_entity_poly.pdbx_strand_id   A,B
#
# COMPACT_ATOMS: atom_id res chain seq x y z
N SER A 23 1.77 6.16 10.51
CA SER A 23 0.64 6.06 11.57
C SER A 23 -0.71 5.86 10.85
N GLY A 24 -1.16 6.87 10.10
CA GLY A 24 -2.42 6.83 9.37
C GLY A 24 -2.45 7.92 8.32
N LYS A 25 -3.45 7.86 7.45
CA LYS A 25 -3.50 8.71 6.25
C LYS A 25 -4.71 9.64 6.30
N ARG A 26 -5.57 9.53 7.32
CA ARG A 26 -6.91 10.21 7.28
C ARG A 26 -6.80 11.64 7.73
N GLY A 27 -7.54 12.51 7.05
CA GLY A 27 -7.57 13.94 7.39
C GLY A 27 -8.98 14.55 7.34
N LEU A 28 -9.14 15.65 8.07
CA LEU A 28 -10.36 16.45 8.13
C LEU A 28 -10.31 17.61 7.15
N ALA A 29 -11.29 17.65 6.27
CA ALA A 29 -11.53 18.72 5.30
C ALA A 29 -12.53 19.62 6.00
N TRP A 30 -11.97 20.63 6.67
CA TRP A 30 -12.61 21.39 7.78
C TRP A 30 -13.02 22.78 7.31
N PRO A 31 -14.29 23.05 6.98
CA PRO A 31 -14.68 24.36 6.46
C PRO A 31 -14.62 25.52 7.47
N TRP A 32 -14.53 26.72 6.88
CA TRP A 32 -14.43 28.03 7.58
C TRP A 32 -15.58 28.22 8.58
N TYR A 33 -16.72 27.60 8.33
CA TYR A 33 -17.95 27.82 9.13
C TYR A 33 -18.03 26.86 10.33
N ASN A 34 -16.99 26.10 10.59
CA ASN A 34 -17.04 25.00 11.59
C ASN A 34 -16.77 25.47 13.05
N SER A 35 -16.91 26.74 13.41
CA SER A 35 -16.78 27.17 14.83
C SER A 35 -17.47 26.25 15.84
N PRO A 36 -18.71 25.78 15.57
CA PRO A 36 -19.40 24.97 16.57
C PRO A 36 -18.83 23.56 16.85
N LEU A 37 -17.99 23.05 15.98
CA LEU A 37 -17.60 21.63 15.98
C LEU A 37 -16.18 21.49 16.53
N ASP A 38 -15.88 20.32 17.05
CA ASP A 38 -14.60 19.96 17.70
C ASP A 38 -13.92 18.89 16.84
N PRO A 39 -12.76 19.20 16.22
CA PRO A 39 -12.02 18.22 15.42
C PRO A 39 -11.60 17.04 16.31
N GLY A 40 -11.37 17.28 17.59
CA GLY A 40 -10.91 16.22 18.51
C GLY A 40 -11.92 15.09 18.61
N VAL A 41 -13.18 15.34 18.26
CA VAL A 41 -14.21 14.25 18.24
C VAL A 41 -13.74 13.10 17.32
N LEU A 42 -13.05 13.38 16.22
CA LEU A 42 -12.67 12.35 15.24
C LEU A 42 -11.22 11.91 15.46
N ASN A 43 -10.64 12.23 16.64
CA ASN A 43 -9.24 11.82 16.96
C ASN A 43 -9.30 11.03 18.26
N ASN A 44 -9.39 9.71 18.18
CA ASN A 44 -9.56 8.83 19.38
C ASN A 44 -8.20 8.33 19.89
N GLY A 45 -7.08 8.87 19.42
CA GLY A 45 -5.78 8.44 19.98
C GLY A 45 -5.16 7.22 19.28
N ASP A 46 -5.93 6.44 18.49
CA ASP A 46 -5.38 5.27 17.74
C ASP A 46 -4.55 5.70 16.53
N GLY A 47 -4.52 6.97 16.12
CA GLY A 47 -3.58 7.43 15.08
C GLY A 47 -4.05 7.24 13.63
N GLU A 48 -5.31 6.90 13.32
CA GLU A 48 -5.72 6.81 11.88
C GLU A 48 -5.86 8.21 11.27
N VAL A 49 -6.26 9.17 12.09
CA VAL A 49 -6.55 10.55 11.63
C VAL A 49 -5.41 11.45 12.10
N VAL A 50 -4.73 12.08 11.15
CA VAL A 50 -3.43 12.74 11.42
C VAL A 50 -3.44 14.19 10.93
N ALA A 51 -4.39 14.63 10.12
CA ALA A 51 -4.24 15.95 9.52
C ALA A 51 -5.55 16.71 9.42
N ILE A 52 -5.47 18.02 9.18
CA ILE A 52 -6.66 18.87 8.99
C ILE A 52 -6.24 20.01 8.10
N TYR A 53 -7.13 20.46 7.21
CA TYR A 53 -6.91 21.65 6.37
C TYR A 53 -8.27 22.35 6.26
N ASP A 54 -8.28 23.65 5.98
CA ASP A 54 -9.50 24.49 6.04
C ASP A 54 -9.62 25.39 4.81
N TRP A 55 -8.92 24.99 3.75
CA TRP A 55 -8.86 25.67 2.44
C TRP A 55 -8.22 27.07 2.57
N GLU A 56 -7.60 27.37 3.71
CA GLU A 56 -7.06 28.72 3.98
C GLU A 56 -5.69 28.60 4.71
N THR A 57 -5.04 29.74 4.90
CA THR A 57 -3.76 29.86 5.65
C THR A 57 -3.93 30.31 7.11
N TYR A 58 -5.14 30.60 7.59
CA TYR A 58 -5.42 30.83 9.03
C TYR A 58 -5.86 29.50 9.65
N ALA A 59 -5.59 29.35 10.95
CA ALA A 59 -5.90 28.17 11.77
C ALA A 59 -7.39 27.82 11.71
N PRO A 60 -7.74 26.52 11.76
CA PRO A 60 -9.15 26.07 11.70
C PRO A 60 -10.03 26.72 12.77
N PRO A 61 -11.17 27.34 12.41
CA PRO A 61 -12.14 27.76 13.42
C PRO A 61 -12.87 26.55 14.00
N THR A 62 -12.78 26.41 15.33
CA THR A 62 -13.21 25.24 16.09
C THR A 62 -13.82 25.69 17.42
N SER A 63 -14.54 24.77 18.05
CA SER A 63 -15.24 25.05 19.33
C SER A 63 -14.21 25.23 20.43
N THR A 64 -13.03 24.57 20.36
CA THR A 64 -11.95 24.65 21.39
C THR A 64 -10.96 25.78 21.07
N GLY A 65 -10.98 26.29 19.83
CA GLY A 65 -9.89 27.13 19.30
C GLY A 65 -8.69 26.31 18.83
N GLY A 66 -8.60 25.02 19.15
CA GLY A 66 -7.48 24.18 18.67
C GLY A 66 -7.93 23.12 17.66
N THR A 67 -7.00 22.21 17.29
CA THR A 67 -7.20 21.26 16.16
C THR A 67 -7.26 19.84 16.70
N GLY A 68 -7.50 19.66 17.99
CA GLY A 68 -7.88 18.32 18.47
C GLY A 68 -6.71 17.36 18.36
N GLY A 69 -5.49 17.92 18.41
CA GLY A 69 -4.20 17.18 18.26
C GLY A 69 -3.87 16.83 16.80
N LEU A 70 -4.58 17.35 15.81
CA LEU A 70 -4.26 17.04 14.40
C LEU A 70 -3.27 18.09 13.86
N GLY A 71 -2.40 17.71 12.92
CA GLY A 71 -1.46 18.64 12.28
C GLY A 71 -2.22 19.45 11.22
N PHE A 72 -2.22 20.77 11.36
CA PHE A 72 -2.80 21.70 10.37
C PHE A 72 -1.86 21.82 9.18
N ILE A 73 -2.47 21.69 8.00
CA ILE A 73 -1.83 21.91 6.68
C ILE A 73 -2.40 23.22 6.14
N GLY A 74 -1.55 24.27 6.07
CA GLY A 74 -1.87 25.54 5.43
C GLY A 74 -2.32 25.34 3.99
N MET A 75 -3.22 26.18 3.47
CA MET A 75 -3.56 26.06 2.06
C MET A 75 -3.76 27.42 1.42
N GLN A 76 -2.98 27.69 0.38
CA GLN A 76 -3.18 28.92 -0.42
C GLN A 76 -4.07 28.54 -1.62
N GLY A 77 -5.36 28.60 -1.41
CA GLY A 77 -6.33 27.96 -2.31
C GLY A 77 -6.63 28.81 -3.51
N THR A 78 -6.47 30.13 -3.40
CA THR A 78 -6.55 31.09 -4.52
C THR A 78 -5.23 31.87 -4.59
N MET A 79 -5.01 32.52 -5.73
CA MET A 79 -3.76 33.28 -5.98
C MET A 79 -3.61 34.42 -4.96
N ASP A 80 -4.72 34.93 -4.45
CA ASP A 80 -4.74 35.97 -3.40
C ASP A 80 -6.18 36.17 -2.90
N SER A 81 -6.38 36.37 -1.62
CA SER A 81 -7.73 36.65 -1.09
C SER A 81 -7.59 37.52 0.16
N ASP A 82 -8.69 38.11 0.62
CA ASP A 82 -8.77 38.91 1.87
C ASP A 82 -8.32 38.06 3.07
N SER A 83 -8.81 36.85 3.19
CA SER A 83 -8.65 36.05 4.43
C SER A 83 -7.33 35.24 4.36
N SER A 84 -6.85 34.90 3.16
CA SER A 84 -5.53 34.25 2.90
C SER A 84 -4.72 35.07 1.89
N PRO A 85 -4.27 36.29 2.26
CA PRO A 85 -3.42 37.10 1.38
C PRO A 85 -2.12 36.36 1.08
N VAL A 86 -1.77 36.28 -0.20
CA VAL A 86 -0.60 35.50 -0.61
C VAL A 86 0.65 36.21 -0.05
N ALA A 87 0.64 37.55 0.09
CA ALA A 87 1.79 38.26 0.71
C ALA A 87 2.02 37.79 2.16
N GLN A 88 1.04 37.14 2.81
CA GLN A 88 1.17 36.67 4.22
C GLN A 88 1.45 35.16 4.27
N LEU A 89 1.64 34.50 3.13
CA LEU A 89 1.75 33.03 3.13
C LEU A 89 3.03 32.61 3.87
N ALA A 90 4.19 33.20 3.55
CA ALA A 90 5.47 32.90 4.24
C ALA A 90 5.35 33.28 5.72
N THR A 91 4.70 34.39 6.05
CA THR A 91 4.56 34.83 7.46
C THR A 91 3.76 33.79 8.24
N ARG A 92 2.66 33.31 7.64
CA ARG A 92 1.76 32.38 8.38
C ARG A 92 2.45 31.04 8.55
N GLN A 93 3.17 30.57 7.55
CA GLN A 93 3.82 29.25 7.66
C GLN A 93 4.83 29.36 8.80
N ALA A 94 5.58 30.47 8.86
CA ALA A 94 6.64 30.70 9.88
C ALA A 94 6.02 30.75 11.27
N GLN A 95 4.94 31.53 11.45
CA GLN A 95 4.28 31.67 12.76
C GLN A 95 3.70 30.32 13.20
N GLN A 96 3.03 29.58 12.30
CA GLN A 96 2.23 28.39 12.70
C GLN A 96 3.06 27.11 12.63
N GLY A 97 4.16 27.12 11.89
CA GLY A 97 5.10 25.98 11.77
C GLY A 97 4.51 24.78 11.05
N TRP A 98 3.72 25.01 10.00
CA TRP A 98 3.19 23.87 9.18
C TRP A 98 4.34 22.99 8.71
N ALA A 99 4.08 21.68 8.65
CA ALA A 99 5.02 20.70 8.05
C ALA A 99 4.72 20.55 6.53
N THR A 100 3.51 20.93 6.13
CA THR A 100 2.96 20.75 4.77
C THR A 100 2.13 21.96 4.36
N VAL A 101 2.13 22.27 3.07
CA VAL A 101 1.26 23.33 2.51
C VAL A 101 0.61 22.83 1.22
N PHE A 102 -0.66 23.16 1.06
CA PHE A 102 -1.43 22.93 -0.17
C PHE A 102 -1.49 24.23 -0.98
N SER A 103 -1.61 24.08 -2.32
CA SER A 103 -1.74 25.24 -3.24
C SER A 103 -3.16 25.33 -3.83
N LEU A 104 -3.26 25.77 -5.07
CA LEU A 104 -4.52 26.33 -5.63
C LEU A 104 -5.59 25.25 -5.68
N ASN A 105 -6.84 25.62 -5.38
CA ASN A 105 -7.98 24.68 -5.40
C ASN A 105 -8.60 24.64 -6.81
N GLU A 106 -8.47 23.52 -7.51
CA GLU A 106 -9.18 23.29 -8.81
C GLU A 106 -8.97 24.47 -9.76
N PRO A 107 -7.72 24.92 -10.01
CA PRO A 107 -7.50 25.94 -11.03
C PRO A 107 -7.92 25.47 -12.43
N ASP A 108 -7.96 24.14 -12.63
CA ASP A 108 -8.30 23.47 -13.91
C ASP A 108 -9.74 23.81 -14.34
N ILE A 109 -10.61 24.25 -13.45
CA ILE A 109 -11.96 24.69 -13.85
C ILE A 109 -12.21 26.10 -13.35
N ASN A 110 -11.17 26.86 -12.98
CA ASN A 110 -11.40 28.24 -12.50
C ASN A 110 -10.64 29.22 -13.39
N GLY A 111 -10.37 28.91 -14.68
CA GLY A 111 -9.85 29.92 -15.61
C GLY A 111 -8.42 30.32 -15.25
N ILE A 112 -7.63 29.40 -14.68
CA ILE A 112 -6.17 29.61 -14.46
C ILE A 112 -5.43 28.63 -15.35
N THR A 113 -4.65 29.15 -16.29
CA THR A 113 -3.89 28.30 -17.25
C THR A 113 -2.78 27.58 -16.47
N PRO A 114 -2.32 26.40 -16.93
CA PRO A 114 -1.16 25.75 -16.31
C PRO A 114 0.08 26.64 -16.20
N ALA A 115 0.36 27.43 -17.22
CA ALA A 115 1.52 28.32 -17.21
C ALA A 115 1.36 29.38 -16.12
N GLU A 116 0.21 30.00 -16.00
CA GLU A 116 -0.01 30.98 -14.92
C GLU A 116 0.22 30.34 -13.54
N ALA A 117 -0.27 29.13 -13.34
CA ALA A 117 -0.17 28.43 -12.05
C ALA A 117 1.30 28.14 -11.76
N ALA A 118 2.06 27.68 -12.76
CA ALA A 118 3.50 27.37 -12.64
C ALA A 118 4.26 28.64 -12.20
N SER A 119 4.02 29.79 -12.82
CA SER A 119 4.82 30.99 -12.50
C SER A 119 4.39 31.49 -11.12
N TRP A 120 3.10 31.45 -10.81
CA TRP A 120 2.59 31.83 -9.46
C TRP A 120 3.17 30.90 -8.41
N TYR A 121 3.21 29.60 -8.66
CA TYR A 121 3.69 28.58 -7.67
C TYR A 121 5.17 28.86 -7.39
N ILE A 122 5.96 29.05 -8.45
CA ILE A 122 7.40 29.29 -8.34
C ILE A 122 7.62 30.54 -7.49
N GLU A 123 6.85 31.60 -7.72
CA GLU A 123 7.03 32.88 -7.02
C GLU A 123 6.65 32.72 -5.55
N TRP A 124 5.50 32.10 -5.24
CA TRP A 124 4.89 32.23 -3.90
C TRP A 124 5.05 30.94 -3.07
N VAL A 125 5.03 29.77 -3.68
CA VAL A 125 4.94 28.51 -2.89
C VAL A 125 6.34 27.89 -2.77
N ASN A 126 7.16 27.90 -3.85
CA ASN A 126 8.57 27.42 -3.84
C ASN A 126 9.33 27.82 -2.56
N PRO A 127 9.27 29.09 -2.10
CA PRO A 127 10.07 29.54 -0.94
C PRO A 127 9.77 28.84 0.39
N LEU A 128 8.61 28.21 0.53
CA LEU A 128 8.28 27.51 1.79
C LEU A 128 9.08 26.23 1.80
N ALA A 129 10.10 26.16 2.65
CA ALA A 129 11.02 25.01 2.68
C ALA A 129 10.38 23.91 3.52
N ILE A 130 9.21 23.44 3.11
CA ILE A 130 8.47 22.34 3.76
C ILE A 130 7.86 21.44 2.66
N LYS A 131 7.09 20.44 3.05
CA LYS A 131 6.39 19.57 2.07
C LYS A 131 5.30 20.38 1.39
N LYS A 132 5.17 20.19 0.09
CA LYS A 132 4.34 21.07 -0.77
C LYS A 132 3.60 20.20 -1.78
N ALA A 133 2.35 20.56 -2.03
CA ALA A 133 1.54 19.88 -3.06
C ALA A 133 1.21 20.85 -4.18
N LEU A 134 1.28 20.28 -5.39
CA LEU A 134 0.76 20.96 -6.59
C LEU A 134 -0.73 21.09 -6.45
N PRO A 135 -1.31 22.05 -7.21
CA PRO A 135 -2.73 22.36 -7.12
C PRO A 135 -3.66 21.14 -7.23
N ALA A 136 -4.67 21.05 -6.35
CA ALA A 136 -5.76 20.06 -6.45
C ALA A 136 -6.49 20.23 -7.78
N VAL A 137 -6.46 19.19 -8.60
CA VAL A 137 -7.22 19.14 -9.88
C VAL A 137 -8.45 18.22 -9.74
N THR A 138 -9.46 18.50 -10.55
CA THR A 138 -10.72 17.73 -10.61
C THR A 138 -10.45 16.42 -11.36
N SER A 139 -11.47 15.55 -11.42
CA SER A 139 -11.36 14.23 -12.09
C SER A 139 -11.82 14.32 -13.57
N SER A 140 -11.95 15.52 -14.15
CA SER A 140 -12.37 15.70 -15.54
C SER A 140 -11.34 15.03 -16.45
N THR A 141 -11.82 14.36 -17.49
CA THR A 141 -11.05 13.76 -18.62
C THR A 141 -10.89 14.77 -19.77
N THR A 142 -11.45 15.96 -19.67
CA THR A 142 -11.37 16.95 -20.78
C THR A 142 -9.93 17.48 -20.88
N SER A 143 -9.49 17.72 -22.11
CA SER A 143 -8.21 18.42 -22.41
C SER A 143 -8.16 19.73 -21.62
N GLY A 144 -7.03 20.01 -21.00
CA GLY A 144 -6.84 21.27 -20.26
C GLY A 144 -7.62 21.31 -18.95
N GLN A 145 -8.10 20.17 -18.45
CA GLN A 145 -8.71 20.04 -17.10
C GLN A 145 -8.09 18.81 -16.43
N GLY A 146 -8.29 18.64 -15.13
CA GLY A 146 -7.93 17.37 -14.52
C GLY A 146 -6.47 17.03 -14.78
N LEU A 147 -6.16 15.76 -14.92
CA LEU A 147 -4.78 15.30 -15.11
C LEU A 147 -4.17 15.90 -16.41
N SER A 148 -4.97 16.30 -17.41
CA SER A 148 -4.42 16.95 -18.62
C SER A 148 -3.85 18.32 -18.22
N TRP A 149 -4.60 19.07 -17.40
CA TRP A 149 -4.16 20.36 -16.86
C TRP A 149 -2.87 20.15 -16.07
N LEU A 150 -2.88 19.15 -15.18
CA LEU A 150 -1.72 18.89 -14.28
C LEU A 150 -0.49 18.55 -15.14
N SER A 151 -0.68 17.71 -16.15
CA SER A 151 0.42 17.36 -17.10
C SER A 151 0.98 18.64 -17.75
N GLU A 152 0.13 19.56 -18.18
CA GLU A 152 0.57 20.85 -18.78
C GLU A 152 1.28 21.73 -17.74
N MET A 153 0.83 21.73 -16.49
CA MET A 153 1.49 22.54 -15.44
C MET A 153 2.88 21.97 -15.17
N ILE A 154 3.02 20.66 -15.15
CA ILE A 154 4.36 20.04 -14.86
C ILE A 154 5.29 20.37 -16.05
N SER A 155 4.78 20.35 -17.27
CA SER A 155 5.56 20.76 -18.46
C SER A 155 5.93 22.24 -18.38
N ALA A 156 5.02 23.11 -17.97
CA ALA A 156 5.32 24.56 -17.89
C ALA A 156 6.38 24.79 -16.78
N CYS A 157 6.29 24.09 -15.66
CA CYS A 157 7.28 24.16 -14.56
C CYS A 157 8.69 23.91 -15.13
N ALA A 158 8.83 22.92 -15.99
CA ALA A 158 10.10 22.42 -16.56
C ALA A 158 11.15 22.21 -15.46
N GLY A 159 10.76 21.59 -14.33
CA GLY A 159 11.63 21.24 -13.19
C GLY A 159 11.90 22.41 -12.24
N ALA A 160 11.36 23.60 -12.45
CA ALA A 160 11.63 24.80 -11.60
C ALA A 160 10.63 24.89 -10.42
N CYS A 161 9.54 24.11 -10.41
CA CYS A 161 8.59 23.97 -9.27
C CYS A 161 9.12 22.92 -8.31
N TYR A 162 9.25 23.23 -7.04
CA TYR A 162 9.59 22.24 -6.01
C TYR A 162 8.27 21.72 -5.44
N PHE A 163 8.07 20.42 -5.45
CA PHE A 163 6.85 19.83 -4.88
C PHE A 163 7.17 18.40 -4.44
N ASP A 164 6.35 17.91 -3.52
CA ASP A 164 6.37 16.52 -3.01
C ASP A 164 5.18 15.71 -3.55
N TYR A 165 4.01 16.35 -3.70
CA TYR A 165 2.73 15.61 -3.87
C TYR A 165 1.97 16.15 -5.08
N ILE A 166 1.22 15.28 -5.76
CA ILE A 166 0.12 15.74 -6.65
C ILE A 166 -1.17 15.57 -5.85
N ASN A 167 -2.10 16.48 -6.07
CA ASN A 167 -3.30 16.61 -5.22
C ASN A 167 -4.52 16.35 -6.07
N LEU A 168 -5.33 15.36 -5.69
CA LEU A 168 -6.50 14.94 -6.49
C LEU A 168 -7.80 15.23 -5.76
N HIS A 169 -8.82 15.64 -6.52
CA HIS A 169 -10.24 15.57 -6.10
C HIS A 169 -10.92 14.47 -6.89
N TRP A 170 -11.91 13.82 -6.26
CA TRP A 170 -12.75 12.86 -6.99
C TRP A 170 -14.17 12.89 -6.46
N TYR A 171 -15.11 13.10 -7.38
CA TYR A 171 -16.54 12.91 -7.14
C TYR A 171 -17.09 12.05 -8.28
N GLY A 172 -17.83 11.00 -7.95
CA GLY A 172 -18.43 10.14 -8.96
C GLY A 172 -19.44 9.18 -8.35
N THR A 173 -19.80 8.13 -9.09
CA THR A 173 -21.03 7.37 -8.74
C THR A 173 -20.70 5.99 -8.20
N SER A 174 -19.46 5.53 -8.20
CA SER A 174 -19.18 4.16 -7.66
C SER A 174 -17.77 4.05 -7.12
N PHE A 175 -17.57 3.12 -6.18
CA PHE A 175 -16.22 2.79 -5.67
C PHE A 175 -15.39 2.30 -6.88
N ALA A 176 -15.95 1.44 -7.74
CA ALA A 176 -15.18 0.92 -8.91
C ALA A 176 -14.57 2.08 -9.74
N GLU A 177 -15.38 3.09 -10.07
CA GLU A 177 -14.96 4.29 -10.84
C GLU A 177 -13.83 5.01 -10.06
N PHE A 178 -13.96 5.16 -8.75
CA PHE A 178 -12.93 5.84 -7.93
C PHE A 178 -11.63 5.06 -8.01
N GLN A 179 -11.71 3.75 -7.78
CA GLN A 179 -10.53 2.86 -7.82
C GLN A 179 -9.86 3.00 -9.20
N ALA A 180 -10.64 3.03 -10.27
CA ALA A 180 -10.09 3.10 -11.64
C ALA A 180 -9.39 4.45 -11.80
N TYR A 181 -9.97 5.51 -11.25
CA TYR A 181 -9.39 6.87 -11.34
C TYR A 181 -8.04 6.98 -10.58
N ILE A 182 -7.97 6.46 -9.37
CA ILE A 182 -6.68 6.47 -8.61
C ILE A 182 -5.65 5.62 -9.40
N GLU A 183 -6.05 4.46 -9.91
CA GLU A 183 -5.09 3.60 -10.65
C GLU A 183 -4.66 4.37 -11.92
N GLN A 184 -5.57 5.04 -12.62
CA GLN A 184 -5.22 5.84 -13.83
C GLN A 184 -4.17 6.90 -13.45
N ALA A 185 -4.38 7.65 -12.36
CA ALA A 185 -3.47 8.72 -11.91
C ALA A 185 -2.09 8.09 -11.67
N HIS A 186 -2.05 6.97 -10.96
CA HIS A 186 -0.76 6.34 -10.64
C HIS A 186 -0.11 5.87 -11.95
N ASN A 187 -0.84 5.24 -12.87
CA ASN A 187 -0.25 4.72 -14.14
C ASN A 187 0.40 5.89 -14.92
N GLN A 188 -0.21 7.07 -14.87
CA GLN A 188 0.20 8.27 -15.65
C GLN A 188 1.36 8.99 -14.95
N PHE A 189 1.42 8.93 -13.62
CA PHE A 189 2.41 9.58 -12.71
C PHE A 189 3.00 8.56 -11.72
N PRO A 190 3.67 7.51 -12.22
CA PRO A 190 4.06 6.41 -11.32
C PRO A 190 5.15 6.72 -10.26
N SER A 191 5.99 7.73 -10.52
N SER A 191 6.05 7.70 -10.45
CA SER A 191 7.08 8.18 -9.63
CA SER A 191 7.05 8.04 -9.39
C SER A 191 6.55 9.25 -8.65
C SER A 191 6.41 8.93 -8.32
N TYR A 192 5.24 9.51 -8.60
CA TYR A 192 4.69 10.65 -7.80
C TYR A 192 3.94 10.15 -6.56
N THR A 193 3.80 11.02 -5.58
CA THR A 193 3.07 10.72 -4.33
C THR A 193 1.75 11.48 -4.40
N ILE A 194 0.64 10.81 -4.00
CA ILE A 194 -0.74 11.36 -4.12
C ILE A 194 -1.26 11.74 -2.73
N VAL A 195 -1.87 12.91 -2.68
CA VAL A 195 -2.82 13.30 -1.62
C VAL A 195 -4.18 13.51 -2.25
N ILE A 196 -5.24 13.04 -1.57
CA ILE A 196 -6.63 13.22 -2.05
C ILE A 196 -7.30 14.17 -1.07
N SER A 197 -7.47 15.44 -1.47
CA SER A 197 -7.92 16.50 -0.54
C SER A 197 -9.44 16.58 -0.44
N GLU A 198 -10.16 15.97 -1.37
CA GLU A 198 -11.63 15.91 -1.36
C GLU A 198 -12.06 14.68 -2.15
N PHE A 199 -12.87 13.83 -1.57
CA PHE A 199 -13.56 12.77 -2.35
C PHE A 199 -14.86 12.39 -1.65
N ALA A 200 -15.87 12.08 -2.48
CA ALA A 200 -17.16 11.50 -2.06
C ALA A 200 -17.91 11.01 -3.28
N LEU A 201 -19.03 10.29 -3.07
CA LEU A 201 -19.97 10.00 -4.16
C LEU A 201 -20.75 11.28 -4.46
N THR A 202 -21.27 11.43 -5.66
CA THR A 202 -22.28 12.49 -5.89
C THR A 202 -23.60 12.04 -5.21
N ASN A 203 -24.56 12.95 -5.11
CA ASN A 203 -25.84 12.75 -4.36
C ASN A 203 -26.58 11.50 -4.88
N GLY A 204 -27.04 10.64 -3.96
CA GLY A 204 -27.91 9.49 -4.20
C GLY A 204 -27.28 8.21 -3.67
N GLY A 205 -25.98 8.04 -3.88
CA GLY A 205 -25.29 6.80 -3.53
C GLY A 205 -25.12 6.62 -2.03
N ASN A 206 -24.90 5.37 -1.63
CA ASN A 206 -24.56 4.91 -0.27
C ASN A 206 -23.13 5.37 0.02
N GLN A 207 -22.97 6.51 0.71
CA GLN A 207 -21.67 7.09 1.12
C GLN A 207 -20.96 6.14 2.09
N VAL A 208 -21.69 5.52 3.02
CA VAL A 208 -21.05 4.61 4.01
C VAL A 208 -20.40 3.46 3.26
N ALA A 209 -21.10 2.84 2.32
CA ALA A 209 -20.56 1.67 1.59
C ALA A 209 -19.31 2.12 0.79
N PHE A 210 -19.37 3.30 0.18
CA PHE A 210 -18.25 3.85 -0.62
C PHE A 210 -17.00 4.00 0.23
N PHE A 211 -17.11 4.68 1.38
CA PHE A 211 -15.95 4.94 2.27
C PHE A 211 -15.49 3.65 2.95
N GLU A 212 -16.38 2.71 3.26
CA GLU A 212 -15.99 1.38 3.78
C GLU A 212 -15.10 0.67 2.77
N SER A 213 -15.38 0.85 1.48
CA SER A 213 -14.54 0.28 0.39
C SER A 213 -13.27 1.12 0.22
N ALA A 214 -13.38 2.45 0.19
CA ALA A 214 -12.27 3.36 -0.18
C ALA A 214 -11.16 3.32 0.88
N PHE A 215 -11.48 3.28 2.16
CA PHE A 215 -10.44 3.46 3.20
C PHE A 215 -9.42 2.32 3.10
N PRO A 216 -9.83 1.04 3.08
CA PRO A 216 -8.88 -0.08 3.02
C PRO A 216 -8.14 -0.07 1.68
N PHE A 217 -8.83 0.32 0.59
CA PHE A 217 -8.17 0.42 -0.73
C PHE A 217 -7.01 1.43 -0.62
N LEU A 218 -7.28 2.64 -0.10
CA LEU A 218 -6.26 3.72 -0.11
C LEU A 218 -5.17 3.39 0.94
N ASP A 219 -5.55 2.80 2.07
CA ASP A 219 -4.62 2.42 3.17
C ASP A 219 -3.58 1.45 2.61
N GLY A 220 -3.91 0.62 1.62
CA GLY A 220 -2.96 -0.37 1.06
C GLY A 220 -2.07 0.19 -0.04
N LEU A 221 -2.29 1.41 -0.54
CA LEU A 221 -1.50 2.00 -1.65
C LEU A 221 -0.32 2.84 -1.08
N SER A 222 0.92 2.40 -1.26
CA SER A 222 2.11 3.06 -0.65
C SER A 222 2.33 4.46 -1.27
N TYR A 223 1.67 4.80 -2.36
CA TYR A 223 1.87 6.07 -3.09
C TYR A 223 0.78 7.06 -2.73
N VAL A 224 -0.16 6.68 -1.87
CA VAL A 224 -1.18 7.62 -1.33
C VAL A 224 -0.77 7.98 0.10
N LEU A 225 -0.46 9.24 0.36
CA LEU A 225 0.04 9.67 1.70
C LEU A 225 -1.11 10.13 2.60
N LEU A 226 -2.08 10.85 2.05
CA LEU A 226 -3.21 11.41 2.83
C LEU A 226 -4.49 11.35 1.98
N TYR A 227 -5.63 11.21 2.64
CA TYR A 227 -6.94 11.34 1.99
C TYR A 227 -7.90 11.97 2.99
N PHE A 228 -8.70 12.86 2.44
CA PHE A 228 -9.64 13.69 3.21
C PHE A 228 -11.01 13.51 2.56
N PRO A 229 -11.96 12.79 3.22
CA PRO A 229 -13.33 12.78 2.75
C PRO A 229 -13.92 14.19 2.72
N PHE A 230 -14.67 14.51 1.66
CA PHE A 230 -15.58 15.68 1.68
C PHE A 230 -16.83 15.18 2.38
N VAL A 231 -17.05 15.58 3.66
CA VAL A 231 -16.59 16.80 4.30
C VAL A 231 -16.70 16.67 5.82
N ALA A 232 -15.75 17.22 6.57
CA ALA A 232 -15.75 17.13 8.06
C ALA A 232 -16.66 18.24 8.59
N THR A 233 -17.97 18.13 8.37
CA THR A 233 -19.00 19.02 8.98
C THR A 233 -20.30 18.24 9.18
N SER A 234 -21.32 18.93 9.70
CA SER A 234 -22.66 18.36 9.93
C SER A 234 -23.53 18.74 8.74
N PRO A 235 -24.59 17.98 8.49
CA PRO A 235 -25.55 18.35 7.45
C PRO A 235 -26.15 19.74 7.65
N ALA A 236 -26.52 20.12 8.87
CA ALA A 236 -27.16 21.44 9.09
C ALA A 236 -26.17 22.57 8.72
N LEU A 237 -24.90 22.43 9.07
CA LEU A 237 -23.90 23.48 8.74
C LEU A 237 -23.60 23.45 7.24
N LEU A 238 -23.55 22.27 6.62
CA LEU A 238 -23.33 22.15 5.15
C LEU A 238 -24.45 22.89 4.43
N GLN A 239 -25.70 22.62 4.76
CA GLN A 239 -26.88 23.25 4.07
C GLN A 239 -26.84 24.75 4.30
N ALA A 240 -26.53 25.20 5.52
CA ALA A 240 -26.69 26.63 5.88
C ALA A 240 -25.60 27.46 5.19
N ASN A 241 -24.41 26.87 4.95
CA ASN A 241 -23.23 27.64 4.49
C ASN A 241 -22.77 27.21 3.10
N ASP A 242 -23.12 26.01 2.62
CA ASP A 242 -22.65 25.50 1.29
C ASP A 242 -23.78 24.73 0.60
N PRO A 243 -24.94 25.36 0.36
CA PRO A 243 -26.08 24.64 -0.17
C PRO A 243 -25.78 24.02 -1.55
N GLY A 244 -24.85 24.60 -2.32
CA GLY A 244 -24.41 24.03 -3.59
C GLY A 244 -23.87 22.61 -3.40
N ALA A 245 -23.09 22.39 -2.34
CA ALA A 245 -22.50 21.07 -2.02
C ALA A 245 -23.59 20.07 -1.65
N VAL A 246 -24.64 20.50 -0.91
CA VAL A 246 -25.78 19.57 -0.62
C VAL A 246 -26.38 19.11 -1.95
N THR A 247 -26.60 20.01 -2.92
CA THR A 247 -27.15 19.60 -4.22
C THR A 247 -26.21 18.59 -4.88
N THR A 248 -24.91 18.85 -4.94
CA THR A 248 -24.01 17.98 -5.71
C THR A 248 -23.78 16.64 -5.02
N VAL A 249 -23.49 16.65 -3.74
CA VAL A 249 -22.99 15.49 -2.97
C VAL A 249 -24.07 14.93 -2.03
N GLY A 250 -25.05 15.74 -1.64
CA GLY A 250 -26.00 15.37 -0.57
C GLY A 250 -25.38 15.57 0.82
N THR A 251 -25.97 14.93 1.84
CA THR A 251 -25.62 15.13 3.25
C THR A 251 -24.98 13.84 3.79
N GLY A 252 -24.98 12.75 2.99
CA GLY A 252 -24.51 11.44 3.50
C GLY A 252 -23.01 11.38 3.74
N SER A 253 -22.21 12.30 3.20
CA SER A 253 -20.75 12.23 3.38
C SER A 253 -20.28 13.16 4.50
N CYS A 254 -21.18 13.83 5.20
CA CYS A 254 -20.85 14.62 6.41
C CYS A 254 -20.31 13.69 7.50
N LEU A 255 -19.13 13.95 8.02
CA LEU A 255 -18.48 13.11 9.06
C LEU A 255 -19.16 13.35 10.43
N TYR A 256 -19.88 14.47 10.63
CA TYR A 256 -20.54 14.78 11.92
C TYR A 256 -22.05 14.71 11.77
N THR A 257 -22.70 14.30 12.85
CA THR A 257 -24.15 14.48 13.09
C THR A 257 -24.41 15.94 13.45
N ASN A 258 -25.64 16.41 13.40
CA ASN A 258 -25.94 17.81 13.79
C ASN A 258 -25.54 18.02 15.27
N ALA A 259 -25.55 16.96 16.09
CA ALA A 259 -25.17 17.02 17.52
C ALA A 259 -23.66 17.20 17.66
N GLY A 260 -22.86 16.99 16.61
CA GLY A 260 -21.42 17.24 16.72
C GLY A 260 -20.68 16.00 17.18
N GLY A 261 -21.33 14.83 17.20
CA GLY A 261 -20.63 13.53 17.26
C GLY A 261 -20.39 12.93 15.88
N PRO A 262 -19.73 11.77 15.82
CA PRO A 262 -19.41 11.13 14.56
C PRO A 262 -20.69 10.59 13.92
N SER A 263 -20.86 10.83 12.62
CA SER A 263 -21.91 10.21 11.79
C SER A 263 -21.54 8.74 11.47
N SER A 264 -22.35 8.05 10.69
CA SER A 264 -21.96 6.69 10.22
C SER A 264 -20.64 6.72 9.47
N VAL A 265 -20.43 7.75 8.64
CA VAL A 265 -19.16 7.92 7.87
C VAL A 265 -18.07 8.38 8.82
N GLY A 266 -18.36 9.27 9.78
CA GLY A 266 -17.36 9.66 10.79
C GLY A 266 -16.83 8.45 11.56
N ASN A 267 -17.70 7.47 11.85
CA ASN A 267 -17.30 6.28 12.67
C ASN A 267 -16.27 5.47 11.91
N LEU A 268 -16.25 5.60 10.58
CA LEU A 268 -15.25 4.91 9.76
C LEU A 268 -13.88 5.58 9.88
N MET A 269 -13.78 6.83 10.37
CA MET A 269 -12.49 7.54 10.46
C MET A 269 -11.62 6.93 11.57
N TYR A 270 -12.17 6.32 12.61
CA TYR A 270 -11.38 5.84 13.78
C TYR A 270 -10.56 4.61 13.38
N SER B 23 13.09 -33.10 -10.09
CA SER B 23 13.14 -31.59 -10.43
C SER B 23 13.93 -30.79 -9.37
N GLY B 24 13.81 -31.22 -8.10
CA GLY B 24 14.21 -30.49 -6.87
C GLY B 24 13.77 -29.02 -6.91
N LYS B 25 12.48 -28.69 -7.12
CA LYS B 25 12.02 -27.27 -7.09
C LYS B 25 11.23 -26.95 -5.82
N ARG B 26 10.89 -27.95 -5.00
CA ARG B 26 9.85 -27.77 -3.95
C ARG B 26 10.45 -27.37 -2.60
N GLY B 27 9.70 -26.60 -1.82
CA GLY B 27 10.15 -26.15 -0.49
C GLY B 27 9.02 -26.04 0.52
N LEU B 28 9.41 -26.00 1.78
CA LEU B 28 8.56 -25.87 2.96
C LEU B 28 8.47 -24.41 3.41
N ALA B 29 7.28 -23.85 3.34
CA ALA B 29 7.00 -22.52 3.93
C ALA B 29 6.65 -22.79 5.38
N TRP B 30 7.61 -22.55 6.28
CA TRP B 30 7.73 -23.18 7.62
C TRP B 30 7.53 -22.15 8.72
N PRO B 31 6.32 -21.97 9.28
CA PRO B 31 6.12 -20.84 10.20
C PRO B 31 6.88 -20.91 11.54
N TRP B 32 6.90 -19.79 12.25
CA TRP B 32 7.57 -19.60 13.58
C TRP B 32 6.98 -20.56 14.63
N TYR B 33 5.70 -20.94 14.48
CA TYR B 33 4.94 -21.65 15.55
C TYR B 33 5.07 -23.16 15.39
N ASN B 34 6.02 -23.63 14.59
CA ASN B 34 6.02 -25.00 14.04
C ASN B 34 6.92 -25.94 14.86
N SER B 35 7.21 -25.62 16.12
CA SER B 35 8.20 -26.43 16.90
C SER B 35 7.63 -27.83 17.18
N PRO B 36 6.28 -28.03 17.24
CA PRO B 36 5.74 -29.39 17.37
C PRO B 36 5.87 -30.32 16.15
N LEU B 37 6.29 -29.79 14.98
CA LEU B 37 6.37 -30.57 13.71
C LEU B 37 7.85 -30.81 13.30
N ASP B 38 8.03 -31.81 12.43
CA ASP B 38 9.33 -32.36 11.96
C ASP B 38 9.37 -32.22 10.44
N PRO B 39 10.26 -31.34 9.88
CA PRO B 39 10.30 -31.10 8.44
C PRO B 39 10.83 -32.32 7.63
N GLY B 40 11.53 -33.25 8.29
CA GLY B 40 12.06 -34.48 7.62
C GLY B 40 10.83 -35.27 7.08
N VAL B 41 9.71 -35.19 7.78
CA VAL B 41 8.45 -35.98 7.45
C VAL B 41 8.11 -35.80 5.96
N LEU B 42 8.50 -34.67 5.32
CA LEU B 42 8.22 -34.35 3.87
C LEU B 42 9.47 -34.53 2.99
N ASN B 43 10.57 -34.99 3.57
CA ASN B 43 11.83 -35.33 2.83
C ASN B 43 11.97 -36.83 2.90
N ASN B 44 11.68 -37.53 1.80
CA ASN B 44 11.81 -39.01 1.67
C ASN B 44 13.10 -39.40 0.92
N GLY B 45 14.00 -38.47 0.61
CA GLY B 45 15.29 -38.75 -0.05
C GLY B 45 15.23 -38.87 -1.58
N ASP B 46 14.06 -38.87 -2.22
CA ASP B 46 13.93 -38.83 -3.71
C ASP B 46 14.30 -37.43 -4.27
N GLY B 47 14.32 -36.38 -3.44
CA GLY B 47 14.96 -35.08 -3.76
C GLY B 47 14.07 -34.09 -4.51
N GLU B 48 12.76 -34.20 -4.38
CA GLU B 48 11.84 -33.17 -4.93
C GLU B 48 11.80 -31.96 -4.01
N VAL B 49 11.84 -32.20 -2.70
CA VAL B 49 11.85 -31.17 -1.64
C VAL B 49 13.30 -30.87 -1.28
N VAL B 50 13.71 -29.61 -1.44
CA VAL B 50 15.14 -29.15 -1.36
C VAL B 50 15.29 -27.97 -0.41
N ALA B 51 14.28 -27.13 -0.18
CA ALA B 51 14.49 -25.86 0.57
C ALA B 51 13.47 -25.79 1.70
N ILE B 52 13.73 -24.88 2.62
CA ILE B 52 12.78 -24.49 3.69
C ILE B 52 13.08 -23.04 4.02
N TYR B 53 12.07 -22.22 4.32
CA TYR B 53 12.29 -20.85 4.80
C TYR B 53 11.27 -20.62 5.92
N ASP B 54 11.51 -19.67 6.81
CA ASP B 54 10.61 -19.50 7.97
C ASP B 54 10.20 -18.04 8.15
N TRP B 55 10.31 -17.24 7.07
CA TRP B 55 9.99 -15.80 7.04
C TRP B 55 10.95 -15.00 7.95
N GLU B 56 12.04 -15.62 8.40
CA GLU B 56 12.96 -14.99 9.39
C GLU B 56 14.43 -15.35 9.07
N THR B 57 15.35 -14.77 9.84
CA THR B 57 16.81 -15.03 9.69
C THR B 57 17.34 -15.98 10.75
N TYR B 58 16.48 -16.47 11.67
CA TYR B 58 16.82 -17.52 12.70
C TYR B 58 16.46 -18.90 12.12
N ALA B 59 17.21 -19.94 12.50
CA ALA B 59 17.01 -21.36 12.10
C ALA B 59 15.55 -21.85 12.39
N PRO B 60 14.96 -22.67 11.47
CA PRO B 60 13.60 -23.23 11.66
C PRO B 60 13.39 -23.87 13.05
N PRO B 61 12.37 -23.37 13.82
CA PRO B 61 11.90 -24.04 15.05
C PRO B 61 11.14 -25.34 14.73
N THR B 62 11.78 -26.48 15.08
CA THR B 62 11.32 -27.85 14.71
C THR B 62 11.35 -28.72 15.97
N SER B 63 10.55 -29.81 16.01
CA SER B 63 10.51 -30.83 17.10
C SER B 63 11.85 -31.57 17.23
N THR B 64 12.68 -31.58 16.18
CA THR B 64 14.06 -32.16 16.21
C THR B 64 15.09 -31.09 16.60
N GLY B 65 14.97 -29.85 16.11
CA GLY B 65 16.03 -28.82 16.15
C GLY B 65 16.82 -28.70 14.85
N GLY B 66 16.65 -29.63 13.88
CA GLY B 66 17.22 -29.61 12.52
C GLY B 66 16.14 -29.26 11.45
N THR B 67 16.49 -29.48 10.15
CA THR B 67 15.67 -29.09 8.97
C THR B 67 15.43 -30.29 8.03
N GLY B 68 15.55 -31.55 8.53
CA GLY B 68 15.19 -32.78 7.74
C GLY B 68 16.02 -32.96 6.46
N GLY B 69 17.29 -32.42 6.49
CA GLY B 69 18.20 -32.40 5.33
C GLY B 69 17.80 -31.40 4.25
N LEU B 70 16.97 -30.40 4.56
CA LEU B 70 16.60 -29.31 3.59
C LEU B 70 17.51 -28.08 3.77
N GLY B 71 17.92 -27.43 2.67
CA GLY B 71 18.69 -26.17 2.67
C GLY B 71 17.84 -25.00 3.16
N PHE B 72 18.26 -24.35 4.25
CA PHE B 72 17.50 -23.24 4.86
C PHE B 72 17.79 -21.97 4.05
N ILE B 73 16.76 -21.15 3.82
CA ILE B 73 16.86 -19.85 3.11
C ILE B 73 16.43 -18.77 4.13
N GLY B 74 17.43 -18.00 4.57
CA GLY B 74 17.18 -16.90 5.52
C GLY B 74 16.32 -15.87 4.81
N MET B 75 15.52 -15.13 5.56
CA MET B 75 14.62 -14.14 4.98
C MET B 75 14.54 -12.92 5.88
N GLN B 76 14.98 -11.81 5.33
CA GLN B 76 14.79 -10.52 6.00
C GLN B 76 13.45 -9.97 5.49
N GLY B 77 12.36 -10.40 6.11
CA GLY B 77 11.00 -10.19 5.56
C GLY B 77 10.46 -8.84 5.93
N THR B 78 11.06 -8.19 6.94
CA THR B 78 10.80 -6.76 7.24
C THR B 78 12.16 -6.02 7.23
N MET B 79 12.09 -4.69 7.16
CA MET B 79 13.28 -3.81 7.10
C MET B 79 14.15 -4.02 8.35
N ASP B 80 13.52 -4.33 9.47
CA ASP B 80 14.19 -4.61 10.77
C ASP B 80 13.15 -5.06 11.79
N SER B 81 13.42 -6.09 12.55
CA SER B 81 12.52 -6.50 13.66
C SER B 81 13.37 -7.07 14.78
N ASP B 82 12.71 -7.30 15.91
CA ASP B 82 13.30 -8.00 17.09
C ASP B 82 13.65 -9.45 16.71
N SER B 83 12.79 -10.14 15.96
CA SER B 83 13.02 -11.55 15.54
C SER B 83 14.16 -11.60 14.50
N SER B 84 14.20 -10.64 13.54
CA SER B 84 15.19 -10.58 12.42
C SER B 84 15.84 -9.20 12.38
N PRO B 85 16.76 -8.88 13.30
CA PRO B 85 17.42 -7.59 13.31
C PRO B 85 18.33 -7.47 12.07
N VAL B 86 18.09 -6.44 11.26
CA VAL B 86 18.83 -6.27 9.98
C VAL B 86 20.33 -6.10 10.27
N ALA B 87 20.69 -5.56 11.45
CA ALA B 87 22.10 -5.40 11.86
C ALA B 87 22.78 -6.79 11.93
N GLN B 88 22.03 -7.87 12.16
CA GLN B 88 22.54 -9.27 12.25
C GLN B 88 22.31 -10.06 10.93
N LEU B 89 21.79 -9.49 9.84
CA LEU B 89 21.56 -10.28 8.60
C LEU B 89 22.84 -10.93 8.05
N ALA B 90 23.90 -10.15 7.87
CA ALA B 90 25.20 -10.61 7.30
C ALA B 90 25.83 -11.62 8.25
N THR B 91 25.75 -11.42 9.57
CA THR B 91 26.43 -12.34 10.55
C THR B 91 25.60 -13.64 10.65
N ARG B 92 24.27 -13.55 10.57
CA ARG B 92 23.40 -14.76 10.52
C ARG B 92 23.70 -15.54 9.23
N GLN B 93 23.72 -14.88 8.07
CA GLN B 93 24.01 -15.56 6.76
C GLN B 93 25.31 -16.37 6.93
N ALA B 94 26.38 -15.70 7.34
CA ALA B 94 27.78 -16.22 7.46
C ALA B 94 27.83 -17.39 8.48
N GLN B 95 27.27 -17.16 9.69
CA GLN B 95 27.13 -18.19 10.79
C GLN B 95 26.36 -19.42 10.29
N GLN B 96 25.24 -19.26 9.56
CA GLN B 96 24.36 -20.42 9.19
C GLN B 96 24.72 -20.98 7.81
N GLY B 97 25.47 -20.29 6.94
CA GLY B 97 25.86 -20.80 5.60
C GLY B 97 24.72 -20.84 4.58
N TRP B 98 23.74 -19.95 4.62
CA TRP B 98 22.71 -19.94 3.53
C TRP B 98 23.41 -19.78 2.19
N ALA B 99 22.92 -20.47 1.17
CA ALA B 99 23.30 -20.28 -0.25
C ALA B 99 22.39 -19.24 -0.94
N THR B 100 21.22 -18.95 -0.34
CA THR B 100 20.16 -18.08 -0.90
C THR B 100 19.55 -17.23 0.20
N VAL B 101 19.07 -16.03 -0.12
CA VAL B 101 18.38 -15.20 0.89
C VAL B 101 17.19 -14.57 0.20
N PHE B 102 16.10 -14.44 0.94
CA PHE B 102 14.86 -13.73 0.53
C PHE B 102 14.82 -12.39 1.25
N SER B 103 14.18 -11.41 0.64
CA SER B 103 14.03 -10.07 1.22
C SER B 103 12.57 -9.83 1.66
N LEU B 104 12.07 -8.62 1.48
CA LEU B 104 10.88 -8.07 2.19
C LEU B 104 9.63 -8.87 1.79
N ASN B 105 8.77 -9.15 2.78
CA ASN B 105 7.52 -9.90 2.54
C ASN B 105 6.40 -8.95 2.14
N GLU B 106 5.94 -9.02 0.90
CA GLU B 106 4.75 -8.28 0.43
C GLU B 106 4.84 -6.80 0.78
N PRO B 107 5.93 -6.11 0.40
CA PRO B 107 6.04 -4.67 0.66
C PRO B 107 4.98 -3.81 -0.03
N ASP B 108 4.46 -4.30 -1.16
CA ASP B 108 3.43 -3.70 -2.03
C ASP B 108 2.11 -3.46 -1.26
N ILE B 109 1.83 -4.22 -0.21
CA ILE B 109 0.60 -3.98 0.61
C ILE B 109 0.98 -3.57 2.06
N ASN B 110 2.26 -3.41 2.37
CA ASN B 110 2.73 -3.17 3.76
C ASN B 110 3.32 -1.76 3.83
N GLY B 111 2.95 -0.85 2.92
CA GLY B 111 3.29 0.55 3.12
C GLY B 111 4.73 0.90 2.68
N ILE B 112 5.44 0.05 1.95
CA ILE B 112 6.84 0.33 1.58
C ILE B 112 6.91 0.76 0.12
N THR B 113 7.39 1.96 -0.21
CA THR B 113 7.39 2.43 -1.61
C THR B 113 8.46 1.62 -2.34
N PRO B 114 8.36 1.53 -3.67
CA PRO B 114 9.45 0.94 -4.46
C PRO B 114 10.83 1.62 -4.25
N ALA B 115 10.88 2.95 -4.15
CA ALA B 115 12.12 3.71 -3.90
C ALA B 115 12.64 3.32 -2.51
N GLU B 116 11.76 3.20 -1.51
CA GLU B 116 12.16 2.82 -0.15
C GLU B 116 12.75 1.43 -0.15
N ALA B 117 12.09 0.49 -0.79
CA ALA B 117 12.56 -0.91 -0.87
C ALA B 117 13.92 -0.98 -1.58
N ALA B 118 14.06 -0.31 -2.72
CA ALA B 118 15.30 -0.35 -3.55
C ALA B 118 16.49 0.12 -2.67
N SER B 119 16.30 1.28 -2.04
CA SER B 119 17.32 1.92 -1.19
C SER B 119 17.74 0.98 -0.02
N TRP B 120 16.77 0.41 0.69
CA TRP B 120 16.97 -0.56 1.77
C TRP B 120 17.67 -1.82 1.24
N TYR B 121 17.21 -2.38 0.13
CA TYR B 121 17.78 -3.62 -0.45
C TYR B 121 19.25 -3.39 -0.82
N ILE B 122 19.57 -2.26 -1.46
CA ILE B 122 20.99 -1.93 -1.83
C ILE B 122 21.84 -1.83 -0.56
N GLU B 123 21.34 -1.23 0.52
CA GLU B 123 22.13 -1.02 1.76
C GLU B 123 22.37 -2.34 2.51
N TRP B 124 21.37 -3.20 2.59
CA TRP B 124 21.37 -4.36 3.51
C TRP B 124 21.41 -5.69 2.79
N VAL B 125 20.87 -5.84 1.57
CA VAL B 125 20.79 -7.21 0.96
C VAL B 125 21.89 -7.41 -0.08
N ASN B 126 22.17 -6.41 -0.90
CA ASN B 126 23.28 -6.39 -1.90
C ASN B 126 24.55 -7.00 -1.34
N PRO B 127 24.96 -6.64 -0.11
CA PRO B 127 26.25 -7.13 0.40
C PRO B 127 26.34 -8.63 0.61
N LEU B 128 25.22 -9.34 0.70
CA LEU B 128 25.30 -10.81 0.82
C LEU B 128 25.69 -11.38 -0.55
N ALA B 129 26.93 -11.87 -0.68
CA ALA B 129 27.52 -12.49 -1.89
C ALA B 129 27.04 -13.94 -2.03
N ILE B 130 25.73 -14.11 -2.06
CA ILE B 130 25.06 -15.42 -2.33
C ILE B 130 23.88 -15.11 -3.27
N LYS B 131 23.05 -16.10 -3.57
CA LYS B 131 21.86 -15.90 -4.43
C LYS B 131 20.83 -15.07 -3.67
N LYS B 132 20.22 -14.11 -4.35
CA LYS B 132 19.32 -13.15 -3.68
C LYS B 132 17.99 -13.05 -4.44
N ALA B 133 16.87 -12.99 -3.73
CA ALA B 133 15.56 -12.66 -4.34
C ALA B 133 15.11 -11.27 -3.96
N LEU B 134 14.60 -10.54 -4.95
CA LEU B 134 13.87 -9.29 -4.73
C LEU B 134 12.64 -9.61 -3.90
N PRO B 135 12.04 -8.60 -3.25
CA PRO B 135 10.90 -8.81 -2.37
C PRO B 135 9.74 -9.62 -3.01
N ALA B 136 9.14 -10.52 -2.21
CA ALA B 136 7.91 -11.28 -2.53
C ALA B 136 6.77 -10.29 -2.69
N VAL B 137 6.21 -10.17 -3.90
CA VAL B 137 5.02 -9.32 -4.13
C VAL B 137 3.74 -10.17 -4.22
N THR B 138 2.62 -9.58 -3.79
CA THR B 138 1.27 -10.17 -3.93
C THR B 138 0.90 -10.21 -5.41
N SER B 139 -0.17 -10.95 -5.71
CA SER B 139 -0.74 -11.08 -7.07
C SER B 139 -1.77 -9.98 -7.33
N SER B 140 -1.79 -8.92 -6.52
CA SER B 140 -2.69 -7.79 -6.78
C SER B 140 -2.52 -7.28 -8.20
N THR B 141 -3.61 -6.96 -8.87
CA THR B 141 -3.61 -6.33 -10.21
C THR B 141 -3.69 -4.82 -10.06
N THR B 142 -3.72 -4.32 -8.83
CA THR B 142 -3.82 -2.85 -8.61
C THR B 142 -2.54 -2.17 -9.08
N SER B 143 -2.72 -1.12 -9.83
CA SER B 143 -1.60 -0.27 -10.27
C SER B 143 -0.80 0.17 -9.03
N GLY B 144 0.49 -0.08 -9.06
CA GLY B 144 1.44 0.23 -7.97
C GLY B 144 1.44 -0.80 -6.88
N GLN B 145 0.83 -1.96 -7.12
CA GLN B 145 0.99 -3.11 -6.22
C GLN B 145 1.47 -4.29 -7.08
N GLY B 146 1.75 -5.46 -6.50
CA GLY B 146 1.98 -6.67 -7.28
C GLY B 146 3.12 -6.48 -8.28
N LEU B 147 3.00 -7.02 -9.50
CA LEU B 147 4.04 -6.98 -10.57
C LEU B 147 4.34 -5.50 -10.95
N SER B 148 3.38 -4.61 -10.79
CA SER B 148 3.52 -3.19 -11.16
C SER B 148 4.43 -2.52 -10.10
N TRP B 149 4.18 -2.77 -8.81
CA TRP B 149 5.11 -2.35 -7.75
C TRP B 149 6.50 -2.93 -8.09
N LEU B 150 6.57 -4.19 -8.47
CA LEU B 150 7.88 -4.85 -8.68
C LEU B 150 8.59 -4.09 -9.81
N SER B 151 7.87 -3.73 -10.86
CA SER B 151 8.49 -3.00 -12.00
C SER B 151 9.05 -1.65 -11.49
N GLU B 152 8.32 -1.01 -10.59
CA GLU B 152 8.69 0.32 -10.03
C GLU B 152 9.93 0.14 -9.18
N MET B 153 10.07 -0.96 -8.46
CA MET B 153 11.27 -1.19 -7.64
C MET B 153 12.50 -1.36 -8.57
N ILE B 154 12.40 -2.19 -9.60
CA ILE B 154 13.51 -2.36 -10.59
C ILE B 154 13.88 -1.02 -11.24
N SER B 155 12.90 -0.20 -11.60
CA SER B 155 13.18 1.19 -12.05
C SER B 155 13.98 1.94 -10.98
N ALA B 156 13.49 1.93 -9.74
CA ALA B 156 14.13 2.69 -8.65
C ALA B 156 15.53 2.13 -8.40
N CYS B 157 15.73 0.82 -8.52
CA CYS B 157 17.06 0.24 -8.30
C CYS B 157 18.08 0.86 -9.27
N ALA B 158 17.64 1.34 -10.43
CA ALA B 158 18.46 2.09 -11.41
C ALA B 158 19.70 1.26 -11.75
N GLY B 159 19.60 -0.07 -11.79
CA GLY B 159 20.70 -0.98 -12.14
C GLY B 159 21.62 -1.27 -10.96
N ALA B 160 21.34 -0.76 -9.75
CA ALA B 160 22.29 -0.84 -8.63
C ALA B 160 21.91 -1.99 -7.71
N CYS B 161 20.77 -2.65 -7.94
CA CYS B 161 20.37 -3.84 -7.16
C CYS B 161 21.06 -5.08 -7.74
N TYR B 162 21.61 -5.93 -6.87
CA TYR B 162 22.11 -7.28 -7.21
C TYR B 162 21.06 -8.32 -6.79
N PHE B 163 20.56 -9.10 -7.75
CA PHE B 163 19.55 -10.14 -7.48
C PHE B 163 19.62 -11.22 -8.54
N ASP B 164 19.19 -12.42 -8.16
CA ASP B 164 19.08 -13.61 -9.03
C ASP B 164 17.62 -13.89 -9.36
N TYR B 165 16.70 -13.55 -8.46
CA TYR B 165 15.30 -14.01 -8.57
C TYR B 165 14.34 -12.86 -8.33
N ILE B 166 13.19 -12.90 -9.03
CA ILE B 166 11.93 -12.28 -8.54
C ILE B 166 11.14 -13.31 -7.79
N ASN B 167 10.35 -12.86 -6.84
CA ASN B 167 9.68 -13.73 -5.84
C ASN B 167 8.18 -13.36 -5.87
N LEU B 168 7.31 -14.33 -6.14
CA LEU B 168 5.84 -14.10 -6.32
C LEU B 168 5.08 -14.84 -5.23
N HIS B 169 4.03 -14.19 -4.76
CA HIS B 169 2.91 -14.85 -4.07
C HIS B 169 1.74 -14.95 -5.05
N TRP B 170 0.90 -15.96 -4.89
CA TRP B 170 -0.38 -16.07 -5.64
C TRP B 170 -1.38 -16.85 -4.79
N TYR B 171 -2.54 -16.23 -4.63
CA TYR B 171 -3.75 -16.87 -4.09
C TYR B 171 -4.88 -16.55 -5.05
N GLY B 172 -5.66 -17.54 -5.42
CA GLY B 172 -6.87 -17.30 -6.26
C GLY B 172 -7.73 -18.55 -6.32
N THR B 173 -8.50 -18.68 -7.39
CA THR B 173 -9.68 -19.59 -7.38
C THR B 173 -9.52 -20.72 -8.40
N SER B 174 -8.50 -20.73 -9.26
CA SER B 174 -8.33 -21.89 -10.18
C SER B 174 -6.90 -22.03 -10.67
N PHE B 175 -6.58 -23.25 -11.10
CA PHE B 175 -5.27 -23.56 -11.73
C PHE B 175 -5.12 -22.75 -13.03
N ALA B 176 -6.14 -22.67 -13.85
CA ALA B 176 -6.11 -21.82 -15.08
C ALA B 176 -5.61 -20.40 -14.75
N GLU B 177 -6.17 -19.80 -13.72
CA GLU B 177 -5.83 -18.42 -13.29
C GLU B 177 -4.34 -18.38 -12.85
N PHE B 178 -3.89 -19.33 -12.05
CA PHE B 178 -2.50 -19.38 -11.58
C PHE B 178 -1.56 -19.49 -12.80
N GLN B 179 -1.88 -20.37 -13.73
CA GLN B 179 -1.02 -20.57 -14.93
C GLN B 179 -0.95 -19.24 -15.70
N ALA B 180 -2.08 -18.57 -15.97
CA ALA B 180 -2.06 -17.27 -16.69
C ALA B 180 -1.18 -16.27 -15.93
N TYR B 181 -1.28 -16.25 -14.60
CA TYR B 181 -0.47 -15.29 -13.78
C TYR B 181 1.03 -15.55 -13.96
N ILE B 182 1.49 -16.79 -13.82
CA ILE B 182 2.93 -17.12 -13.97
C ILE B 182 3.34 -16.77 -15.40
N GLU B 183 2.49 -17.03 -16.41
CA GLU B 183 2.85 -16.71 -17.82
C GLU B 183 2.92 -15.19 -17.97
N GLN B 184 2.05 -14.46 -17.28
CA GLN B 184 2.01 -13.00 -17.33
C GLN B 184 3.31 -12.45 -16.72
N ALA B 185 3.72 -12.94 -15.54
CA ALA B 185 4.94 -12.47 -14.88
C ALA B 185 6.13 -12.75 -15.81
N HIS B 186 6.19 -13.95 -16.42
CA HIS B 186 7.24 -14.31 -17.41
C HIS B 186 7.25 -13.36 -18.62
N ASN B 187 6.07 -13.03 -19.17
CA ASN B 187 5.96 -12.09 -20.33
C ASN B 187 6.41 -10.69 -19.92
N GLN B 188 6.10 -10.22 -18.71
CA GLN B 188 6.57 -8.88 -18.26
C GLN B 188 8.09 -8.90 -17.97
N PHE B 189 8.65 -10.02 -17.48
CA PHE B 189 10.04 -10.10 -16.99
C PHE B 189 10.76 -11.25 -17.68
N PRO B 190 10.91 -11.21 -19.02
CA PRO B 190 11.29 -12.39 -19.80
C PRO B 190 12.68 -12.95 -19.48
N SER B 191 13.59 -12.14 -18.93
CA SER B 191 14.99 -12.62 -18.68
C SER B 191 15.13 -13.10 -17.24
N TYR B 192 14.10 -12.96 -16.40
CA TYR B 192 14.23 -13.24 -14.94
C TYR B 192 13.80 -14.68 -14.65
N THR B 193 14.35 -15.17 -13.54
CA THR B 193 14.11 -16.48 -12.92
C THR B 193 13.21 -16.21 -11.73
N ILE B 194 12.26 -17.09 -11.50
CA ILE B 194 11.13 -16.87 -10.56
C ILE B 194 11.25 -17.86 -9.41
N VAL B 195 11.10 -17.38 -8.19
CA VAL B 195 10.70 -18.27 -7.08
C VAL B 195 9.28 -17.87 -6.67
N ILE B 196 8.51 -18.87 -6.30
CA ILE B 196 7.14 -18.73 -5.73
C ILE B 196 7.19 -19.13 -4.26
N SER B 197 7.19 -18.12 -3.39
CA SER B 197 7.46 -18.35 -1.95
C SER B 197 6.15 -18.68 -1.22
N GLU B 198 5.00 -18.35 -1.79
CA GLU B 198 3.65 -18.68 -1.24
C GLU B 198 2.62 -18.81 -2.37
N PHE B 199 1.90 -19.94 -2.39
CA PHE B 199 0.75 -20.10 -3.31
C PHE B 199 -0.20 -21.21 -2.80
N ALA B 200 -1.49 -20.95 -3.03
CA ALA B 200 -2.59 -21.89 -2.80
C ALA B 200 -3.87 -21.25 -3.36
N LEU B 201 -4.96 -22.03 -3.41
CA LEU B 201 -6.31 -21.48 -3.64
C LEU B 201 -6.77 -20.71 -2.40
N THR B 202 -7.64 -19.73 -2.58
CA THR B 202 -8.45 -19.12 -1.50
C THR B 202 -9.43 -20.19 -1.02
N ASN B 203 -10.09 -19.89 0.10
CA ASN B 203 -10.96 -20.82 0.87
C ASN B 203 -12.12 -21.29 -0.03
N GLY B 204 -12.45 -22.59 0.06
CA GLY B 204 -13.65 -23.21 -0.56
C GLY B 204 -13.37 -23.80 -1.94
N GLY B 205 -12.12 -24.15 -2.21
CA GLY B 205 -11.72 -24.76 -3.49
C GLY B 205 -11.10 -26.11 -3.23
N ASN B 206 -10.73 -26.79 -4.30
CA ASN B 206 -10.15 -28.14 -4.20
C ASN B 206 -8.62 -27.96 -4.23
N GLN B 207 -8.03 -27.90 -3.03
CA GLN B 207 -6.58 -27.60 -2.88
C GLN B 207 -5.82 -28.76 -3.55
N VAL B 208 -6.25 -30.00 -3.33
CA VAL B 208 -5.41 -31.15 -3.79
C VAL B 208 -5.29 -31.09 -5.31
N ALA B 209 -6.40 -30.89 -6.01
CA ALA B 209 -6.41 -30.90 -7.50
C ALA B 209 -5.61 -29.71 -8.06
N PHE B 210 -5.71 -28.55 -7.43
CA PHE B 210 -4.89 -27.36 -7.82
C PHE B 210 -3.40 -27.73 -7.77
N PHE B 211 -2.94 -28.29 -6.66
CA PHE B 211 -1.51 -28.58 -6.47
C PHE B 211 -1.12 -29.70 -7.43
N GLU B 212 -2.01 -30.68 -7.64
CA GLU B 212 -1.73 -31.80 -8.58
C GLU B 212 -1.46 -31.25 -9.99
N SER B 213 -2.19 -30.21 -10.41
CA SER B 213 -1.96 -29.53 -11.71
C SER B 213 -0.71 -28.66 -11.64
N ALA B 214 -0.56 -27.92 -10.57
CA ALA B 214 0.48 -26.86 -10.49
C ALA B 214 1.88 -27.49 -10.44
N PHE B 215 2.08 -28.58 -9.70
CA PHE B 215 3.45 -29.13 -9.49
C PHE B 215 4.10 -29.48 -10.83
N PRO B 216 3.50 -30.30 -11.73
CA PRO B 216 4.14 -30.59 -13.02
C PRO B 216 4.23 -29.40 -13.97
N PHE B 217 3.25 -28.49 -13.94
CA PHE B 217 3.33 -27.22 -14.71
C PHE B 217 4.59 -26.44 -14.30
N LEU B 218 4.81 -26.19 -13.00
CA LEU B 218 6.00 -25.43 -12.47
C LEU B 218 7.29 -26.25 -12.69
N ASP B 219 7.22 -27.57 -12.60
CA ASP B 219 8.39 -28.46 -12.82
C ASP B 219 8.84 -28.34 -14.27
N GLY B 220 7.91 -28.08 -15.19
CA GLY B 220 8.20 -27.96 -16.64
C GLY B 220 8.72 -26.61 -17.07
N LEU B 221 8.54 -25.54 -16.26
CA LEU B 221 8.99 -24.17 -16.61
C LEU B 221 10.49 -24.00 -16.30
N SER B 222 11.35 -23.77 -17.31
CA SER B 222 12.81 -23.58 -17.12
C SER B 222 13.08 -22.39 -16.20
N TYR B 223 12.25 -21.35 -16.20
CA TYR B 223 12.54 -20.07 -15.50
C TYR B 223 11.98 -20.08 -14.07
N VAL B 224 11.36 -21.18 -13.64
CA VAL B 224 10.92 -21.34 -12.22
C VAL B 224 11.93 -22.25 -11.51
N LEU B 225 12.58 -21.76 -10.49
CA LEU B 225 13.65 -22.47 -9.77
C LEU B 225 13.09 -23.19 -8.54
N LEU B 226 12.25 -22.51 -7.75
CA LEU B 226 11.68 -23.02 -6.47
C LEU B 226 10.20 -22.64 -6.38
N TYR B 227 9.39 -23.54 -5.80
CA TYR B 227 8.05 -23.17 -5.30
C TYR B 227 7.79 -23.78 -3.93
N PHE B 228 7.07 -23.00 -3.15
CA PHE B 228 6.64 -23.30 -1.77
C PHE B 228 5.13 -23.12 -1.65
N PRO B 229 4.38 -24.23 -1.55
CA PRO B 229 2.96 -24.16 -1.20
C PRO B 229 2.78 -23.48 0.16
N PHE B 230 1.79 -22.61 0.26
CA PHE B 230 1.29 -22.12 1.56
C PHE B 230 0.35 -23.25 2.01
N VAL B 231 0.76 -24.12 2.95
CA VAL B 231 1.69 -23.81 4.03
C VAL B 231 2.10 -25.14 4.68
N ALA B 232 3.36 -25.26 5.09
CA ALA B 232 3.91 -26.51 5.67
C ALA B 232 3.64 -26.50 7.16
N THR B 233 2.35 -26.52 7.54
CA THR B 233 1.92 -26.70 8.96
C THR B 233 0.69 -27.62 8.98
N SER B 234 0.06 -27.78 10.16
CA SER B 234 -1.16 -28.59 10.44
C SER B 234 -2.33 -27.63 10.54
N PRO B 235 -3.56 -28.06 10.24
CA PRO B 235 -4.74 -27.20 10.44
C PRO B 235 -4.89 -26.61 11.85
N ALA B 236 -4.62 -27.39 12.90
CA ALA B 236 -4.71 -26.97 14.32
C ALA B 236 -3.74 -25.82 14.62
N LEU B 237 -2.49 -25.90 14.15
CA LEU B 237 -1.47 -24.83 14.40
C LEU B 237 -1.82 -23.57 13.60
N LEU B 238 -2.37 -23.74 12.40
CA LEU B 238 -2.73 -22.61 11.53
C LEU B 238 -3.92 -21.87 12.18
N GLN B 239 -4.95 -22.62 12.64
CA GLN B 239 -6.12 -22.01 13.33
C GLN B 239 -5.65 -21.28 14.59
N ALA B 240 -4.71 -21.85 15.33
CA ALA B 240 -4.34 -21.30 16.65
C ALA B 240 -3.42 -20.08 16.47
N ASN B 241 -2.54 -20.08 15.45
CA ASN B 241 -1.44 -19.09 15.35
C ASN B 241 -1.68 -18.12 14.19
N ASP B 242 -2.51 -18.43 13.19
CA ASP B 242 -2.68 -17.57 11.99
C ASP B 242 -4.13 -17.56 11.52
N PRO B 243 -5.06 -17.11 12.37
CA PRO B 243 -6.49 -17.24 12.08
C PRO B 243 -6.96 -16.42 10.88
N GLY B 244 -6.21 -15.37 10.50
CA GLY B 244 -6.43 -14.54 9.30
C GLY B 244 -6.23 -15.34 8.02
N ALA B 245 -5.18 -16.19 7.97
CA ALA B 245 -4.89 -17.13 6.86
C ALA B 245 -5.99 -18.21 6.79
N VAL B 246 -6.54 -18.64 7.92
CA VAL B 246 -7.65 -19.62 7.92
C VAL B 246 -8.88 -19.00 7.22
N THR B 247 -9.25 -17.77 7.57
CA THR B 247 -10.29 -16.99 6.83
C THR B 247 -10.02 -17.03 5.32
N THR B 248 -8.79 -16.70 4.89
CA THR B 248 -8.48 -16.38 3.48
C THR B 248 -8.36 -17.66 2.66
N VAL B 249 -7.60 -18.61 3.18
CA VAL B 249 -7.09 -19.80 2.45
C VAL B 249 -7.83 -21.06 2.91
N GLY B 250 -8.28 -21.09 4.16
CA GLY B 250 -8.76 -22.33 4.81
C GLY B 250 -7.58 -23.16 5.30
N THR B 251 -7.84 -24.43 5.65
CA THR B 251 -6.84 -25.40 6.16
C THR B 251 -6.55 -26.52 5.15
N GLY B 252 -7.16 -26.48 3.96
CA GLY B 252 -7.03 -27.54 2.93
C GLY B 252 -5.66 -27.61 2.26
N SER B 253 -4.85 -26.53 2.39
CA SER B 253 -3.51 -26.48 1.76
C SER B 253 -2.44 -26.82 2.81
N CYS B 254 -2.82 -27.17 4.04
CA CYS B 254 -1.82 -27.53 5.08
C CYS B 254 -1.16 -28.82 4.63
N LEU B 255 0.17 -28.88 4.58
CA LEU B 255 0.94 -30.09 4.13
C LEU B 255 0.94 -31.16 5.23
N TYR B 256 0.60 -30.80 6.47
CA TYR B 256 0.59 -31.75 7.63
C TYR B 256 -0.84 -32.00 8.11
N THR B 257 -1.07 -33.24 8.59
CA THR B 257 -2.20 -33.59 9.47
C THR B 257 -1.88 -33.11 10.92
N ASN B 258 -2.98 -32.87 11.67
CA ASN B 258 -2.94 -32.56 13.13
C ASN B 258 -2.09 -33.62 13.86
N ALA B 259 -1.97 -34.82 13.30
CA ALA B 259 -1.12 -35.93 13.83
C ALA B 259 0.37 -35.70 13.48
N GLY B 260 0.70 -34.75 12.58
CA GLY B 260 2.08 -34.38 12.19
C GLY B 260 2.57 -35.13 10.95
N GLY B 261 1.79 -36.05 10.41
CA GLY B 261 2.07 -36.77 9.13
C GLY B 261 1.75 -35.91 7.90
N PRO B 262 2.08 -36.42 6.67
CA PRO B 262 1.66 -35.78 5.42
C PRO B 262 0.14 -35.74 5.21
N SER B 263 -0.42 -34.58 4.89
CA SER B 263 -1.82 -34.49 4.42
C SER B 263 -1.88 -35.03 3.00
N SER B 264 -3.07 -35.05 2.41
CA SER B 264 -3.30 -35.28 0.96
C SER B 264 -2.41 -34.33 0.16
N VAL B 265 -2.30 -33.05 0.58
CA VAL B 265 -1.43 -32.08 -0.17
C VAL B 265 0.03 -32.44 0.11
N GLY B 266 0.38 -32.75 1.37
CA GLY B 266 1.76 -33.16 1.75
C GLY B 266 2.23 -34.30 0.86
N ASN B 267 1.34 -35.26 0.55
CA ASN B 267 1.69 -36.49 -0.21
C ASN B 267 2.12 -36.11 -1.63
N LEU B 268 1.67 -34.95 -2.12
CA LEU B 268 2.04 -34.48 -3.47
C LEU B 268 3.50 -34.02 -3.51
N MET B 269 4.08 -33.66 -2.37
CA MET B 269 5.45 -33.08 -2.27
C MET B 269 6.50 -34.12 -2.65
N TYR B 270 6.29 -35.41 -2.32
CA TYR B 270 7.29 -36.51 -2.52
C TYR B 270 7.52 -36.76 -4.01
#